data_1MZG
#
_entry.id   1MZG
#
_cell.length_a   42.190
_cell.length_b   54.401
_cell.length_c   120.685
_cell.angle_alpha   90.00
_cell.angle_beta   90.00
_cell.angle_gamma   90.00
#
_symmetry.space_group_name_H-M   'P 21 21 21'
#
loop_
_entity.id
_entity.type
_entity.pdbx_description
1 polymer 'SufE Protein'
2 water water
#
_entity_poly.entity_id   1
_entity_poly.type   'polypeptide(L)'
_entity_poly.pdbx_seq_one_letter_code
;(MSE)ALLPDKEKLLRNFLRCANWEEKYLYIIELGQRLPELRDEDRSPQNSIQGCQSQVWIV(MSE)RQNAQGIIELQGD
SDAAIVKGLIAVVFILYDQ(MSE)TPQDIVNFDVRPWFEK(MSE)ALTQHLTPSRSQGLEA(MSE)IRAIRAKAAALSLE
HHHHHH
;
_entity_poly.pdbx_strand_id   A,B
#
# COMPACT_ATOMS: atom_id res chain seq x y z
N LEU A 3 21.32 -7.02 -4.23
CA LEU A 3 21.01 -7.94 -3.09
C LEU A 3 20.24 -7.20 -2.00
N LEU A 4 20.15 -7.82 -0.83
CA LEU A 4 19.45 -7.16 0.28
C LEU A 4 20.44 -6.53 1.25
N PRO A 5 20.09 -5.36 1.77
CA PRO A 5 21.00 -4.70 2.71
C PRO A 5 21.07 -5.50 4.01
N ASP A 6 22.12 -5.30 4.80
CA ASP A 6 22.21 -5.99 6.07
C ASP A 6 21.21 -5.31 7.01
N LYS A 7 21.02 -5.88 8.20
CA LYS A 7 20.03 -5.35 9.15
C LYS A 7 20.33 -3.94 9.63
N GLU A 8 21.60 -3.63 9.79
CA GLU A 8 22.01 -2.30 10.21
C GLU A 8 21.58 -1.25 9.17
N LYS A 9 21.86 -1.53 7.90
CA LYS A 9 21.50 -0.61 6.85
C LYS A 9 20.01 -0.54 6.60
N LEU A 10 19.31 -1.68 6.76
CA LEU A 10 17.87 -1.72 6.60
C LEU A 10 17.22 -0.73 7.58
N LEU A 11 17.64 -0.82 8.84
CA LEU A 11 17.07 0.03 9.87
C LEU A 11 17.40 1.49 9.61
N ARG A 12 18.62 1.79 9.20
CA ARG A 12 19.00 3.17 8.92
C ARG A 12 18.23 3.72 7.72
N ASN A 13 18.09 2.93 6.66
CA ASN A 13 17.37 3.44 5.48
C ASN A 13 15.90 3.61 5.78
N PHE A 14 15.35 2.67 6.55
CA PHE A 14 13.93 2.69 6.93
C PHE A 14 13.63 3.98 7.71
N LEU A 15 14.39 4.20 8.75
CA LEU A 15 14.20 5.38 9.56
C LEU A 15 14.53 6.68 8.82
N ARG A 16 15.29 6.60 7.73
CA ARG A 16 15.62 7.80 6.95
C ARG A 16 14.40 8.22 6.12
N CYS A 17 13.50 7.29 5.82
CA CYS A 17 12.32 7.66 5.03
C CYS A 17 11.55 8.79 5.70
N ALA A 18 11.14 9.76 4.90
CA ALA A 18 10.44 10.94 5.41
C ALA A 18 8.99 10.75 5.83
N ASN A 19 8.38 9.64 5.44
CA ASN A 19 6.98 9.42 5.79
C ASN A 19 6.64 7.93 5.62
N TRP A 20 5.48 7.53 6.11
CA TRP A 20 5.15 6.11 6.02
C TRP A 20 4.85 5.54 4.64
N GLU A 21 4.51 6.39 3.67
CA GLU A 21 4.27 5.82 2.35
C GLU A 21 5.60 5.37 1.79
N GLU A 22 6.64 6.16 2.02
CA GLU A 22 7.98 5.83 1.56
C GLU A 22 8.41 4.55 2.29
N LYS A 23 8.18 4.48 3.60
CA LYS A 23 8.53 3.27 4.37
C LYS A 23 7.81 2.05 3.77
N TYR A 24 6.51 2.20 3.52
CA TYR A 24 5.70 1.11 3.00
C TYR A 24 6.20 0.63 1.63
N LEU A 25 6.45 1.57 0.73
CA LEU A 25 6.95 1.19 -0.60
C LEU A 25 8.38 0.61 -0.50
N TYR A 26 9.18 1.05 0.48
CA TYR A 26 10.54 0.50 0.62
C TYR A 26 10.46 -0.99 1.02
N ILE A 27 9.54 -1.30 1.94
CA ILE A 27 9.37 -2.69 2.36
C ILE A 27 8.97 -3.52 1.12
N ILE A 28 8.01 -3.01 0.37
CA ILE A 28 7.56 -3.72 -0.83
C ILE A 28 8.72 -3.84 -1.83
N GLU A 29 9.52 -2.79 -1.96
CA GLU A 29 10.64 -2.84 -2.89
C GLU A 29 11.59 -4.01 -2.52
N LEU A 30 11.93 -4.11 -1.23
CA LEU A 30 12.80 -5.18 -0.77
C LEU A 30 12.22 -6.56 -1.11
N GLY A 31 10.90 -6.67 -0.95
CA GLY A 31 10.23 -7.92 -1.24
C GLY A 31 10.44 -8.28 -2.69
N GLN A 32 10.35 -7.29 -3.58
CA GLN A 32 10.53 -7.55 -4.99
C GLN A 32 11.95 -7.93 -5.37
N ARG A 33 12.89 -7.68 -4.46
CA ARG A 33 14.29 -8.02 -4.73
C ARG A 33 14.59 -9.48 -4.43
N LEU A 34 13.70 -10.14 -3.70
CA LEU A 34 13.93 -11.54 -3.36
C LEU A 34 14.05 -12.39 -4.63
N PRO A 35 15.00 -13.33 -4.65
CA PRO A 35 15.20 -14.22 -5.79
C PRO A 35 13.94 -15.04 -6.02
N GLU A 36 13.71 -15.43 -7.27
CA GLU A 36 12.55 -16.22 -7.63
C GLU A 36 12.59 -17.55 -6.92
N LEU A 37 11.42 -17.99 -6.48
CA LEU A 37 11.26 -19.24 -5.78
C LEU A 37 11.05 -20.33 -6.83
N ARG A 38 11.79 -21.44 -6.69
CA ARG A 38 11.67 -22.57 -7.59
C ARG A 38 10.24 -23.07 -7.57
N ASP A 39 9.66 -23.28 -8.74
CA ASP A 39 8.28 -23.77 -8.82
C ASP A 39 8.15 -25.00 -7.94
N GLU A 40 9.25 -25.75 -7.85
CA GLU A 40 9.33 -26.96 -7.05
C GLU A 40 9.19 -26.69 -5.54
N ASP A 41 9.72 -25.56 -5.08
CA ASP A 41 9.65 -25.20 -3.66
C ASP A 41 8.33 -24.51 -3.30
N ARG A 42 7.60 -24.05 -4.32
CA ARG A 42 6.31 -23.38 -4.10
C ARG A 42 5.26 -24.48 -3.97
N SER A 43 5.37 -25.25 -2.91
CA SER A 43 4.46 -26.36 -2.63
C SER A 43 3.99 -26.30 -1.18
N PRO A 44 2.89 -27.02 -0.86
CA PRO A 44 2.31 -27.06 0.50
C PRO A 44 3.30 -27.30 1.62
N GLN A 45 4.30 -28.12 1.37
CA GLN A 45 5.29 -28.42 2.38
C GLN A 45 5.95 -27.16 2.88
N ASN A 46 6.06 -26.16 2.02
CA ASN A 46 6.69 -24.89 2.40
C ASN A 46 5.70 -23.77 2.70
N SER A 47 4.40 -24.08 2.71
CA SER A 47 3.40 -23.06 3.00
C SER A 47 3.38 -22.61 4.45
N ILE A 48 3.14 -21.32 4.66
CA ILE A 48 3.05 -20.71 5.99
C ILE A 48 1.59 -20.25 6.14
N GLN A 49 0.97 -20.51 7.28
CA GLN A 49 -0.43 -20.13 7.48
C GLN A 49 -0.58 -18.93 8.42
N GLY A 50 -1.68 -18.20 8.28
CA GLY A 50 -1.94 -17.07 9.16
C GLY A 50 -1.46 -15.70 8.68
N CYS A 51 -1.14 -15.60 7.39
CA CYS A 51 -0.66 -14.38 6.81
C CYS A 51 -1.68 -13.74 5.84
N GLN A 52 -2.95 -14.14 5.97
CA GLN A 52 -4.01 -13.60 5.14
C GLN A 52 -3.64 -13.59 3.65
N SER A 53 -2.79 -14.53 3.27
CA SER A 53 -2.34 -14.64 1.90
C SER A 53 -1.50 -15.90 1.76
N GLN A 54 -1.11 -16.22 0.53
CA GLN A 54 -0.28 -17.39 0.31
C GLN A 54 1.16 -17.00 0.63
N VAL A 55 1.81 -17.77 1.48
CA VAL A 55 3.21 -17.49 1.82
C VAL A 55 4.02 -18.77 1.77
N TRP A 56 5.20 -18.71 1.16
CA TRP A 56 6.06 -19.88 1.10
C TRP A 56 7.44 -19.55 1.61
N ILE A 57 7.94 -20.38 2.52
CA ILE A 57 9.29 -20.14 3.04
C ILE A 57 10.04 -21.46 3.14
N VAL A 58 11.25 -21.46 2.62
CA VAL A 58 12.09 -22.63 2.65
C VAL A 58 13.41 -22.23 3.29
N MSE A 59 13.82 -23.05 4.25
CA MSE A 59 15.07 -22.86 4.98
C MSE A 59 15.91 -24.11 4.88
O MSE A 59 15.46 -25.18 5.26
CB MSE A 59 14.82 -22.60 6.46
CG MSE A 59 16.10 -22.83 7.28
SE MSE A 59 15.99 -22.49 9.22
CE MSE A 59 14.38 -21.33 9.14
N ARG A 60 17.12 -24.00 4.35
CA ARG A 60 18.00 -25.16 4.26
C ARG A 60 19.42 -24.77 4.67
N GLN A 61 20.16 -25.75 5.17
CA GLN A 61 21.55 -25.54 5.55
C GLN A 61 22.41 -25.92 4.37
N ASN A 62 23.40 -25.09 4.08
CA ASN A 62 24.32 -25.32 2.97
C ASN A 62 25.38 -26.38 3.33
N ALA A 63 26.49 -26.41 2.58
CA ALA A 63 27.58 -27.37 2.82
C ALA A 63 28.17 -27.17 4.21
N GLN A 64 27.85 -26.02 4.78
CA GLN A 64 28.29 -25.63 6.11
C GLN A 64 26.98 -25.59 6.90
N GLY A 65 27.02 -25.16 8.15
CA GLY A 65 25.81 -25.12 8.95
C GLY A 65 25.11 -23.78 8.95
N ILE A 66 25.21 -23.05 7.84
CA ILE A 66 24.57 -21.73 7.77
C ILE A 66 23.29 -21.77 6.94
N ILE A 67 22.24 -21.18 7.51
CA ILE A 67 20.94 -21.14 6.89
C ILE A 67 20.83 -20.32 5.60
N GLU A 68 20.15 -20.90 4.63
CA GLU A 68 19.89 -20.25 3.36
C GLU A 68 18.36 -20.13 3.26
N LEU A 69 17.85 -18.90 3.23
CA LEU A 69 16.40 -18.68 3.17
C LEU A 69 15.85 -18.21 1.83
N GLN A 70 14.73 -18.81 1.40
CA GLN A 70 14.07 -18.43 0.15
C GLN A 70 12.58 -18.32 0.47
N GLY A 71 11.88 -17.40 -0.19
CA GLY A 71 10.47 -17.27 0.08
C GLY A 71 9.71 -16.46 -0.94
N ASP A 72 8.38 -16.50 -0.85
CA ASP A 72 7.54 -15.76 -1.79
C ASP A 72 6.17 -15.60 -1.16
N SER A 73 5.40 -14.65 -1.68
CA SER A 73 4.04 -14.43 -1.22
C SER A 73 3.30 -13.84 -2.40
N ASP A 74 2.01 -14.12 -2.48
CA ASP A 74 1.22 -13.58 -3.58
C ASP A 74 0.74 -12.18 -3.16
N ALA A 75 1.16 -11.74 -1.98
CA ALA A 75 0.84 -10.39 -1.47
C ALA A 75 2.15 -9.59 -1.38
N ALA A 76 2.25 -8.54 -2.19
CA ALA A 76 3.46 -7.72 -2.24
C ALA A 76 4.00 -7.27 -0.87
N ILE A 77 3.14 -6.72 -0.03
CA ILE A 77 3.57 -6.24 1.29
C ILE A 77 4.02 -7.43 2.16
N VAL A 78 3.37 -8.58 2.03
CA VAL A 78 3.77 -9.75 2.79
C VAL A 78 5.16 -10.23 2.32
N LYS A 79 5.40 -10.20 1.01
CA LYS A 79 6.69 -10.61 0.48
C LYS A 79 7.78 -9.66 0.99
N GLY A 80 7.43 -8.38 1.17
CA GLY A 80 8.37 -7.40 1.68
C GLY A 80 8.74 -7.71 3.13
N LEU A 81 7.74 -8.11 3.91
CA LEU A 81 7.95 -8.48 5.30
C LEU A 81 8.84 -9.73 5.31
N ILE A 82 8.62 -10.62 4.33
CA ILE A 82 9.46 -11.81 4.23
C ILE A 82 10.92 -11.38 4.05
N ALA A 83 11.17 -10.41 3.16
CA ALA A 83 12.54 -9.94 2.98
C ALA A 83 13.10 -9.30 4.26
N VAL A 84 12.28 -8.55 4.98
CA VAL A 84 12.74 -7.91 6.22
C VAL A 84 13.23 -8.97 7.22
N VAL A 85 12.46 -10.04 7.39
CA VAL A 85 12.87 -11.11 8.31
C VAL A 85 14.12 -11.84 7.83
N PHE A 86 14.26 -12.01 6.52
CA PHE A 86 15.43 -12.68 5.94
C PHE A 86 16.67 -11.82 6.23
N ILE A 87 16.54 -10.51 6.11
CA ILE A 87 17.66 -9.62 6.39
C ILE A 87 18.09 -9.78 7.85
N LEU A 88 17.15 -9.70 8.80
CA LEU A 88 17.48 -9.85 10.21
C LEU A 88 18.10 -11.22 10.52
N TYR A 89 17.68 -12.29 9.84
CA TYR A 89 18.25 -13.61 10.14
C TYR A 89 19.37 -14.03 9.22
N ASP A 90 19.87 -13.06 8.46
CA ASP A 90 20.91 -13.36 7.49
C ASP A 90 22.26 -13.82 8.03
N GLN A 91 22.79 -14.84 7.37
CA GLN A 91 24.09 -15.39 7.71
C GLN A 91 24.18 -15.91 9.14
N MSE A 92 23.16 -16.62 9.60
CA MSE A 92 23.17 -17.17 10.95
C MSE A 92 23.03 -18.68 10.92
O MSE A 92 22.46 -19.26 9.99
CB MSE A 92 22.03 -16.57 11.79
CG MSE A 92 22.19 -15.12 12.20
SE MSE A 92 20.70 -14.53 13.31
CE MSE A 92 21.39 -12.88 14.07
N THR A 93 23.59 -19.34 11.95
CA THR A 93 23.50 -20.79 12.10
C THR A 93 22.12 -20.95 12.73
N PRO A 94 21.60 -22.19 12.80
CA PRO A 94 20.27 -22.40 13.39
C PRO A 94 20.18 -21.89 14.85
N GLN A 95 21.17 -22.23 15.67
CA GLN A 95 21.21 -21.78 17.05
C GLN A 95 21.24 -20.25 17.17
N ASP A 96 21.91 -19.59 16.23
CA ASP A 96 21.97 -18.11 16.28
C ASP A 96 20.59 -17.57 16.06
N ILE A 97 19.83 -18.21 15.18
CA ILE A 97 18.49 -17.72 14.92
C ILE A 97 17.60 -17.86 16.15
N VAL A 98 17.73 -18.98 16.84
CA VAL A 98 16.92 -19.24 18.02
C VAL A 98 17.20 -18.23 19.12
N ASN A 99 18.45 -17.84 19.34
CA ASN A 99 18.64 -16.91 20.44
C ASN A 99 18.67 -15.44 20.06
N PHE A 100 18.50 -15.17 18.77
CA PHE A 100 18.48 -13.77 18.31
C PHE A 100 17.15 -13.09 18.62
N ASP A 101 17.16 -12.08 19.46
CA ASP A 101 15.91 -11.38 19.78
C ASP A 101 15.62 -10.27 18.76
N VAL A 102 14.65 -10.49 17.87
CA VAL A 102 14.32 -9.49 16.83
C VAL A 102 13.38 -8.40 17.26
N ARG A 103 12.70 -8.63 18.38
CA ARG A 103 11.72 -7.68 18.90
C ARG A 103 12.18 -6.22 18.89
N PRO A 104 13.36 -5.94 19.44
CA PRO A 104 13.83 -4.54 19.44
C PRO A 104 13.99 -3.92 18.05
N TRP A 105 14.31 -4.74 17.06
CA TRP A 105 14.43 -4.20 15.71
C TRP A 105 13.04 -3.77 15.22
N PHE A 106 12.03 -4.61 15.45
CA PHE A 106 10.69 -4.26 15.02
C PHE A 106 10.11 -3.10 15.79
N GLU A 107 10.48 -2.97 17.06
CA GLU A 107 9.97 -1.88 17.86
C GLU A 107 10.48 -0.56 17.27
N LYS A 108 11.77 -0.52 16.94
CA LYS A 108 12.39 0.68 16.38
C LYS A 108 11.75 1.04 15.03
N MSE A 109 11.29 0.05 14.28
CA MSE A 109 10.66 0.31 12.99
C MSE A 109 9.21 0.68 13.19
O MSE A 109 8.58 1.21 12.28
CB MSE A 109 10.72 -0.93 12.09
CG MSE A 109 12.10 -1.23 11.53
SE MSE A 109 12.17 -2.98 10.69
CE MSE A 109 11.87 -2.37 8.83
N ALA A 110 8.68 0.40 14.38
CA ALA A 110 7.28 0.70 14.73
C ALA A 110 6.26 0.07 13.78
N LEU A 111 6.57 -1.12 13.28
CA LEU A 111 5.69 -1.83 12.36
C LEU A 111 4.30 -2.11 12.91
N THR A 112 4.23 -2.70 14.10
CA THR A 112 2.93 -3.06 14.64
C THR A 112 2.02 -1.85 14.83
N GLN A 113 2.61 -0.67 14.91
CA GLN A 113 1.80 0.51 15.10
C GLN A 113 1.26 1.15 13.82
N HIS A 114 1.83 0.76 12.68
CA HIS A 114 1.39 1.32 11.39
C HIS A 114 0.73 0.34 10.41
N LEU A 115 0.97 -0.94 10.61
CA LEU A 115 0.38 -1.98 9.75
C LEU A 115 -0.92 -2.48 10.38
N THR A 116 -1.74 -3.17 9.58
CA THR A 116 -2.99 -3.67 10.11
C THR A 116 -2.66 -4.79 11.08
N PRO A 117 -3.59 -5.09 12.02
CA PRO A 117 -3.35 -6.17 12.99
C PRO A 117 -3.10 -7.48 12.27
N SER A 118 -3.88 -7.69 11.21
CA SER A 118 -3.75 -8.89 10.41
C SER A 118 -2.32 -8.97 9.81
N ARG A 119 -1.81 -7.84 9.35
CA ARG A 119 -0.46 -7.85 8.78
C ARG A 119 0.55 -8.21 9.86
N SER A 120 0.43 -7.58 11.03
CA SER A 120 1.34 -7.85 12.14
C SER A 120 1.30 -9.30 12.59
N GLN A 121 0.11 -9.91 12.51
CA GLN A 121 -0.03 -11.31 12.89
C GLN A 121 0.70 -12.18 11.89
N GLY A 122 0.61 -11.80 10.60
CA GLY A 122 1.31 -12.56 9.58
C GLY A 122 2.79 -12.47 9.84
N LEU A 123 3.27 -11.27 10.22
CA LEU A 123 4.69 -11.11 10.49
C LEU A 123 5.10 -12.01 11.66
N GLU A 124 4.25 -12.11 12.69
CA GLU A 124 4.58 -12.96 13.85
C GLU A 124 4.59 -14.42 13.47
N ALA A 125 3.65 -14.79 12.61
CA ALA A 125 3.56 -16.16 12.11
C ALA A 125 4.86 -16.55 11.38
N MSE A 126 5.32 -15.74 10.45
CA MSE A 126 6.55 -16.12 9.76
C MSE A 126 7.75 -16.19 10.67
O MSE A 126 8.60 -17.07 10.52
CB MSE A 126 6.82 -15.21 8.56
CG MSE A 126 6.63 -13.71 8.77
SE MSE A 126 6.91 -12.72 7.10
CE MSE A 126 8.81 -13.13 6.90
N ILE A 127 7.84 -15.29 11.64
CA ILE A 127 8.96 -15.33 12.57
C ILE A 127 8.90 -16.67 13.35
N ARG A 128 7.73 -16.97 13.89
CA ARG A 128 7.53 -18.22 14.62
C ARG A 128 7.89 -19.41 13.72
N ALA A 129 7.45 -19.38 12.46
CA ALA A 129 7.79 -20.47 11.56
C ALA A 129 9.31 -20.57 11.31
N ILE A 130 9.98 -19.43 11.13
CA ILE A 130 11.43 -19.51 10.88
C ILE A 130 12.17 -20.06 12.11
N ARG A 131 11.84 -19.54 13.29
CA ARG A 131 12.45 -19.98 14.52
C ARG A 131 12.15 -21.48 14.75
N ALA A 132 10.93 -21.92 14.43
CA ALA A 132 10.56 -23.34 14.60
C ALA A 132 11.52 -24.24 13.79
N LYS A 133 11.75 -23.86 12.53
CA LYS A 133 12.62 -24.57 11.61
C LYS A 133 14.06 -24.55 12.11
N ALA A 134 14.49 -23.41 12.66
CA ALA A 134 15.84 -23.27 13.20
C ALA A 134 15.97 -24.13 14.46
N ALA A 135 14.89 -24.19 15.25
CA ALA A 135 14.93 -25.02 16.46
C ALA A 135 14.98 -26.51 16.16
N ALA A 136 14.26 -26.92 15.13
CA ALA A 136 14.24 -28.33 14.76
C ALA A 136 15.61 -28.77 14.29
N LEU A 137 16.47 -27.81 13.96
CA LEU A 137 17.79 -28.13 13.51
C LEU A 137 18.85 -28.02 14.61
N SER A 138 18.50 -27.42 15.74
CA SER A 138 19.48 -27.22 16.80
C SER A 138 19.07 -27.65 18.21
N LEU A 139 17.79 -27.92 18.40
CA LEU A 139 17.28 -28.31 19.71
C LEU A 139 17.97 -29.54 20.30
N GLU A 140 17.95 -29.62 21.61
CA GLU A 140 18.58 -30.74 22.30
C GLU A 140 17.62 -31.94 22.37
N HIS A 141 18.10 -33.11 21.99
CA HIS A 141 17.29 -34.33 22.13
C HIS A 141 17.83 -34.92 23.44
N HIS A 142 17.35 -34.39 24.57
CA HIS A 142 17.80 -34.86 25.90
C HIS A 142 17.80 -36.38 26.03
N HIS A 143 18.88 -36.91 26.61
CA HIS A 143 19.03 -38.35 26.78
C HIS A 143 18.01 -38.98 27.74
N HIS A 144 17.49 -38.19 28.67
CA HIS A 144 16.49 -38.72 29.59
C HIS A 144 15.15 -38.89 28.88
N HIS A 145 15.03 -38.31 27.68
CA HIS A 145 13.82 -38.45 26.89
C HIS A 145 13.95 -39.54 25.81
N HIS A 146 15.13 -40.13 25.64
CA HIS A 146 15.28 -41.19 24.64
C HIS A 146 14.46 -42.42 25.07
N ALA B 2 -19.79 6.01 -9.98
CA ALA B 2 -19.47 4.67 -9.40
C ALA B 2 -20.17 4.47 -8.05
N LEU B 3 -20.20 3.22 -7.58
CA LEU B 3 -20.82 2.87 -6.31
C LEU B 3 -19.79 3.17 -5.21
N LEU B 4 -19.93 4.35 -4.64
CA LEU B 4 -19.00 4.84 -3.62
C LEU B 4 -19.80 5.63 -2.60
N PRO B 5 -19.31 5.73 -1.37
CA PRO B 5 -20.07 6.50 -0.38
C PRO B 5 -20.14 7.98 -0.75
N ASP B 6 -21.08 8.71 -0.15
CA ASP B 6 -21.14 10.15 -0.40
C ASP B 6 -20.07 10.81 0.48
N LYS B 7 -19.80 12.09 0.23
CA LYS B 7 -18.77 12.86 0.97
C LYS B 7 -18.85 12.64 2.47
N GLU B 8 -20.05 12.82 2.99
CA GLU B 8 -20.35 12.69 4.42
C GLU B 8 -19.93 11.33 4.98
N LYS B 9 -20.28 10.27 4.24
CA LYS B 9 -19.96 8.90 4.65
C LYS B 9 -18.46 8.65 4.49
N LEU B 10 -17.93 9.10 3.35
CA LEU B 10 -16.52 8.96 3.04
C LEU B 10 -15.69 9.46 4.22
N LEU B 11 -16.00 10.67 4.67
CA LEU B 11 -15.26 11.27 5.78
C LEU B 11 -15.31 10.41 7.06
N ARG B 12 -16.51 9.94 7.42
CA ARG B 12 -16.65 9.08 8.59
C ARG B 12 -15.80 7.82 8.46
N ASN B 13 -15.77 7.27 7.26
CA ASN B 13 -14.99 6.07 6.98
C ASN B 13 -13.50 6.29 7.24
N PHE B 14 -13.00 7.44 6.76
CA PHE B 14 -11.60 7.76 6.98
C PHE B 14 -11.32 7.86 8.46
N LEU B 15 -12.21 8.51 9.20
CA LEU B 15 -12.01 8.66 10.65
C LEU B 15 -11.92 7.33 11.38
N ARG B 16 -12.59 6.30 10.85
CA ARG B 16 -12.60 4.98 11.48
C ARG B 16 -11.36 4.16 11.17
N CYS B 17 -10.59 4.56 10.16
CA CYS B 17 -9.38 3.80 9.86
C CYS B 17 -8.52 3.77 11.12
N ALA B 18 -8.09 2.55 11.48
CA ALA B 18 -7.32 2.27 12.69
C ALA B 18 -5.82 2.39 12.61
N ASN B 19 -5.28 2.51 11.40
CA ASN B 19 -3.84 2.60 11.28
C ASN B 19 -3.44 3.10 9.91
N TRP B 20 -2.17 3.52 9.82
CA TRP B 20 -1.66 4.06 8.57
C TRP B 20 -1.99 3.13 7.40
N GLU B 21 -1.66 1.85 7.52
CA GLU B 21 -1.92 0.93 6.41
C GLU B 21 -3.38 0.79 6.01
N GLU B 22 -4.27 0.61 6.98
CA GLU B 22 -5.69 0.46 6.62
C GLU B 22 -6.14 1.70 5.82
N LYS B 23 -5.71 2.88 6.25
CA LYS B 23 -6.12 4.10 5.54
C LYS B 23 -5.54 4.17 4.14
N TYR B 24 -4.27 3.81 4.02
CA TYR B 24 -3.59 3.82 2.73
C TYR B 24 -4.29 2.90 1.73
N LEU B 25 -4.60 1.69 2.19
CA LEU B 25 -5.25 0.70 1.34
C LEU B 25 -6.72 1.08 1.05
N TYR B 26 -7.33 1.87 1.92
CA TYR B 26 -8.70 2.28 1.65
C TYR B 26 -8.69 3.28 0.49
N ILE B 27 -7.67 4.14 0.44
CA ILE B 27 -7.60 5.11 -0.65
C ILE B 27 -7.42 4.31 -1.94
N ILE B 28 -6.56 3.29 -1.89
CA ILE B 28 -6.36 2.47 -3.08
C ILE B 28 -7.68 1.78 -3.44
N GLU B 29 -8.40 1.32 -2.42
CA GLU B 29 -9.69 0.67 -2.64
C GLU B 29 -10.64 1.63 -3.34
N LEU B 30 -10.69 2.89 -2.91
CA LEU B 30 -11.61 3.83 -3.55
C LEU B 30 -11.31 3.95 -5.05
N GLY B 31 -10.03 3.92 -5.40
CA GLY B 31 -9.64 3.99 -6.80
C GLY B 31 -10.08 2.74 -7.55
N GLN B 32 -9.96 1.59 -6.91
CA GLN B 32 -10.37 0.30 -7.50
C GLN B 32 -11.89 0.25 -7.72
N ARG B 33 -12.62 1.18 -7.12
CA ARG B 33 -14.06 1.19 -7.26
C ARG B 33 -14.48 2.06 -8.43
N LEU B 34 -13.53 2.68 -9.10
CA LEU B 34 -13.85 3.55 -10.22
C LEU B 34 -14.12 2.69 -11.45
N PRO B 35 -15.16 3.05 -12.22
CA PRO B 35 -15.50 2.31 -13.44
C PRO B 35 -14.37 2.47 -14.44
N GLU B 36 -14.16 1.45 -15.25
CA GLU B 36 -13.11 1.51 -16.26
C GLU B 36 -13.42 2.61 -17.28
N LEU B 37 -12.40 3.33 -17.71
CA LEU B 37 -12.61 4.38 -18.70
C LEU B 37 -12.99 3.78 -20.04
N ARG B 38 -13.85 4.48 -20.79
CA ARG B 38 -14.31 4.02 -22.10
C ARG B 38 -13.06 3.76 -22.93
N ASP B 39 -13.08 2.68 -23.70
CA ASP B 39 -11.93 2.33 -24.52
C ASP B 39 -11.39 3.54 -25.29
N GLU B 40 -10.34 4.14 -24.74
CA GLU B 40 -9.69 5.30 -25.31
C GLU B 40 -10.48 6.60 -25.19
N ASP B 41 -11.15 6.73 -24.06
CA ASP B 41 -11.88 7.94 -23.70
C ASP B 41 -10.64 8.60 -23.10
N ARG B 42 -9.67 7.70 -22.91
CA ARG B 42 -8.35 7.95 -22.39
C ARG B 42 -7.57 8.63 -23.50
N SER B 43 -7.75 9.95 -23.64
CA SER B 43 -7.06 10.68 -24.70
C SER B 43 -6.13 11.73 -24.11
N PRO B 44 -5.16 12.21 -24.91
CA PRO B 44 -4.23 13.23 -24.42
C PRO B 44 -4.98 14.48 -24.00
N GLN B 45 -6.21 14.60 -24.48
CA GLN B 45 -7.08 15.73 -24.19
C GLN B 45 -7.51 15.71 -22.72
N ASN B 46 -8.03 14.57 -22.29
CA ASN B 46 -8.50 14.38 -20.91
C ASN B 46 -7.34 14.04 -19.98
N SER B 47 -6.13 14.33 -20.45
CA SER B 47 -4.94 14.03 -19.67
C SER B 47 -4.61 15.14 -18.67
N ILE B 48 -4.28 14.73 -17.44
CA ILE B 48 -3.91 15.69 -16.40
C ILE B 48 -2.42 15.53 -16.17
N GLN B 49 -1.73 16.63 -15.85
CA GLN B 49 -0.30 16.57 -15.65
C GLN B 49 0.12 17.12 -14.30
N GLY B 50 1.25 16.64 -13.80
CA GLY B 50 1.74 17.07 -12.49
C GLY B 50 1.31 16.13 -11.38
N CYS B 51 0.88 14.91 -11.74
CA CYS B 51 0.44 13.94 -10.75
C CYS B 51 1.44 12.82 -10.56
N GLN B 52 2.67 13.04 -11.01
CA GLN B 52 3.74 12.05 -10.89
C GLN B 52 3.24 10.71 -11.39
N SER B 53 2.47 10.74 -12.48
CA SER B 53 1.92 9.54 -13.11
C SER B 53 0.92 9.92 -14.19
N GLN B 54 0.47 8.93 -14.94
CA GLN B 54 -0.51 9.15 -15.99
C GLN B 54 -1.87 9.24 -15.34
N VAL B 55 -2.52 10.40 -15.51
CA VAL B 55 -3.85 10.66 -14.97
C VAL B 55 -4.79 11.17 -16.06
N TRP B 56 -5.97 10.56 -16.13
CA TRP B 56 -7.00 10.94 -17.11
C TRP B 56 -8.31 11.27 -16.37
N ILE B 57 -8.92 12.40 -16.68
CA ILE B 57 -10.20 12.76 -16.08
C ILE B 57 -11.06 13.34 -17.18
N VAL B 58 -12.21 12.72 -17.42
CA VAL B 58 -13.16 13.21 -18.43
C VAL B 58 -14.38 13.79 -17.72
N MSE B 59 -14.70 15.03 -18.04
CA MSE B 59 -15.84 15.72 -17.46
C MSE B 59 -16.97 15.83 -18.47
O MSE B 59 -16.73 16.13 -19.65
CB MSE B 59 -15.44 17.10 -17.01
CG MSE B 59 -16.63 17.89 -16.48
SE MSE B 59 -16.09 19.62 -15.86
CE MSE B 59 -14.57 19.06 -14.78
N ARG B 60 -18.19 15.61 -18.00
CA ARG B 60 -19.35 15.67 -18.85
C ARG B 60 -20.51 16.30 -18.11
N GLN B 61 -21.34 17.07 -18.83
CA GLN B 61 -22.51 17.70 -18.24
C GLN B 61 -23.72 17.08 -18.92
N ASN B 62 -24.59 16.44 -18.14
CA ASN B 62 -25.77 15.81 -18.71
C ASN B 62 -26.90 16.78 -19.03
N ALA B 63 -28.04 16.23 -19.45
CA ALA B 63 -29.21 17.03 -19.80
C ALA B 63 -29.81 17.76 -18.61
N GLN B 64 -29.38 17.39 -17.41
CA GLN B 64 -29.87 18.03 -16.20
C GLN B 64 -28.87 19.04 -15.65
N GLY B 65 -27.82 19.29 -16.42
CA GLY B 65 -26.81 20.25 -15.99
C GLY B 65 -25.82 19.76 -14.94
N ILE B 66 -25.91 18.50 -14.55
CA ILE B 66 -25.01 17.94 -13.53
C ILE B 66 -23.68 17.46 -14.15
N ILE B 67 -22.59 17.61 -13.40
CA ILE B 67 -21.30 17.19 -13.91
C ILE B 67 -21.05 15.73 -13.62
N GLU B 68 -20.69 14.98 -14.65
CA GLU B 68 -20.39 13.56 -14.50
C GLU B 68 -18.90 13.39 -14.76
N LEU B 69 -18.22 12.72 -13.86
CA LEU B 69 -16.79 12.57 -14.02
C LEU B 69 -16.36 11.12 -14.07
N GLN B 70 -15.37 10.84 -14.90
CA GLN B 70 -14.80 9.50 -15.02
C GLN B 70 -13.27 9.69 -15.04
N GLY B 71 -12.53 8.73 -14.51
CA GLY B 71 -11.09 8.88 -14.49
C GLY B 71 -10.32 7.60 -14.29
N ASP B 72 -9.00 7.73 -14.35
CA ASP B 72 -8.09 6.60 -14.17
C ASP B 72 -6.67 7.12 -14.02
N SER B 73 -5.84 6.37 -13.31
CA SER B 73 -4.46 6.76 -13.17
C SER B 73 -3.59 5.55 -13.27
N ASP B 74 -2.31 5.83 -13.52
CA ASP B 74 -1.27 4.84 -13.68
C ASP B 74 -0.86 4.32 -12.28
N ALA B 75 -1.00 5.19 -11.28
CA ALA B 75 -0.62 4.88 -9.91
C ALA B 75 -1.86 4.62 -9.05
N ALA B 76 -1.93 3.43 -8.45
CA ALA B 76 -3.09 3.06 -7.63
C ALA B 76 -3.47 4.12 -6.61
N ILE B 77 -2.51 4.65 -5.88
CA ILE B 77 -2.79 5.66 -4.89
C ILE B 77 -3.36 6.92 -5.50
N VAL B 78 -2.80 7.34 -6.64
CA VAL B 78 -3.30 8.55 -7.28
C VAL B 78 -4.73 8.33 -7.74
N LYS B 79 -5.03 7.12 -8.24
CA LYS B 79 -6.37 6.80 -8.71
C LYS B 79 -7.34 6.88 -7.53
N GLY B 80 -6.85 6.54 -6.35
CA GLY B 80 -7.70 6.63 -5.15
C GLY B 80 -7.98 8.10 -4.85
N LEU B 81 -6.97 8.93 -5.03
CA LEU B 81 -7.16 10.36 -4.81
C LEU B 81 -8.18 10.90 -5.81
N ILE B 82 -8.19 10.36 -7.03
CA ILE B 82 -9.15 10.79 -8.06
C ILE B 82 -10.55 10.44 -7.59
N ALA B 83 -10.69 9.22 -7.05
CA ALA B 83 -11.99 8.74 -6.56
C ALA B 83 -12.49 9.67 -5.46
N VAL B 84 -11.60 10.07 -4.54
CA VAL B 84 -12.00 10.98 -3.48
C VAL B 84 -12.55 12.30 -4.08
N VAL B 85 -11.81 12.86 -5.02
CA VAL B 85 -12.24 14.08 -5.69
C VAL B 85 -13.61 13.91 -6.35
N PHE B 86 -13.85 12.77 -7.01
CA PHE B 86 -15.14 12.52 -7.68
C PHE B 86 -16.23 12.48 -6.60
N ILE B 87 -15.96 11.80 -5.49
CA ILE B 87 -16.98 11.77 -4.44
C ILE B 87 -17.30 13.17 -3.94
N LEU B 88 -16.28 13.97 -3.69
CA LEU B 88 -16.54 15.34 -3.19
C LEU B 88 -17.41 16.13 -4.19
N TYR B 89 -17.13 16.00 -5.49
CA TYR B 89 -17.92 16.73 -6.48
C TYR B 89 -19.14 15.97 -6.98
N ASP B 90 -19.47 14.83 -6.36
CA ASP B 90 -20.62 14.06 -6.85
C ASP B 90 -21.90 14.87 -7.00
N GLN B 91 -22.60 14.63 -8.11
CA GLN B 91 -23.88 15.27 -8.42
C GLN B 91 -23.90 16.81 -8.35
N MSE B 92 -22.80 17.45 -8.72
CA MSE B 92 -22.75 18.92 -8.68
C MSE B 92 -22.86 19.56 -10.05
O MSE B 92 -22.56 18.93 -11.08
CB MSE B 92 -21.45 19.39 -8.01
CG MSE B 92 -21.49 19.41 -6.49
SE MSE B 92 -19.86 20.07 -5.65
CE MSE B 92 -20.49 20.49 -3.88
N THR B 93 -23.32 20.81 -10.10
CA THR B 93 -23.41 21.54 -11.36
C THR B 93 -22.05 22.23 -11.49
N PRO B 94 -21.75 22.78 -12.68
CA PRO B 94 -20.45 23.46 -12.83
C PRO B 94 -20.30 24.54 -11.78
N GLN B 95 -21.35 25.34 -11.61
CA GLN B 95 -21.28 26.42 -10.65
C GLN B 95 -21.02 25.85 -9.27
N ASP B 96 -21.70 24.76 -8.91
CA ASP B 96 -21.48 24.15 -7.58
C ASP B 96 -19.99 23.85 -7.38
N ILE B 97 -19.39 23.20 -8.37
CA ILE B 97 -17.97 22.85 -8.35
C ILE B 97 -17.09 24.09 -8.19
N VAL B 98 -17.49 25.20 -8.81
CA VAL B 98 -16.72 26.41 -8.69
C VAL B 98 -16.72 26.98 -7.27
N ASN B 99 -17.88 27.08 -6.62
CA ASN B 99 -17.88 27.65 -5.26
C ASN B 99 -17.68 26.63 -4.14
N PHE B 100 -17.27 25.42 -4.47
CA PHE B 100 -17.07 24.43 -3.42
C PHE B 100 -15.65 24.50 -2.91
N ASP B 101 -15.51 24.76 -1.61
CA ASP B 101 -14.18 24.81 -1.00
C ASP B 101 -13.86 23.41 -0.43
N VAL B 102 -12.94 22.71 -1.09
CA VAL B 102 -12.52 21.34 -0.70
C VAL B 102 -11.58 21.31 0.49
N ARG B 103 -10.91 22.43 0.70
CA ARG B 103 -9.94 22.62 1.77
C ARG B 103 -10.36 22.01 3.10
N PRO B 104 -11.54 22.40 3.61
CA PRO B 104 -12.01 21.86 4.90
C PRO B 104 -12.15 20.35 4.81
N TRP B 105 -12.54 19.83 3.66
CA TRP B 105 -12.68 18.38 3.55
C TRP B 105 -11.35 17.64 3.54
N PHE B 106 -10.39 18.11 2.76
CA PHE B 106 -9.11 17.46 2.73
C PHE B 106 -8.47 17.56 4.09
N GLU B 107 -8.76 18.67 4.78
CA GLU B 107 -8.19 18.89 6.09
C GLU B 107 -8.71 17.87 7.12
N LYS B 108 -10.02 17.69 7.18
CA LYS B 108 -10.60 16.72 8.11
C LYS B 108 -10.25 15.27 7.78
N MSE B 109 -10.07 14.97 6.50
CA MSE B 109 -9.70 13.61 6.09
C MSE B 109 -8.20 13.35 6.28
O MSE B 109 -7.78 12.19 6.35
CB MSE B 109 -10.05 13.38 4.60
CG MSE B 109 -11.54 13.34 4.25
SE MSE B 109 -11.82 13.04 2.32
CE MSE B 109 -11.42 14.83 1.67
N ALA B 110 -7.42 14.43 6.32
CA ALA B 110 -5.96 14.35 6.46
C ALA B 110 -5.54 13.38 5.38
N LEU B 111 -6.18 13.56 4.23
CA LEU B 111 -5.99 12.72 3.07
C LEU B 111 -4.53 12.47 2.68
N THR B 112 -3.85 13.52 2.25
CA THR B 112 -2.45 13.40 1.81
C THR B 112 -1.38 13.42 2.90
N GLN B 113 -1.82 13.42 4.14
CA GLN B 113 -0.88 13.44 5.24
C GLN B 113 -0.26 12.06 5.36
N HIS B 114 1.02 12.01 5.67
CA HIS B 114 1.71 10.73 5.79
C HIS B 114 1.90 10.03 4.44
N LEU B 115 1.62 10.73 3.33
CA LEU B 115 1.87 10.17 2.00
C LEU B 115 3.08 10.95 1.50
N THR B 116 3.72 10.48 0.43
CA THR B 116 4.87 11.18 -0.14
C THR B 116 4.40 12.58 -0.60
N PRO B 117 5.31 13.58 -0.61
CA PRO B 117 4.98 14.96 -1.01
C PRO B 117 4.22 15.16 -2.31
N SER B 118 4.51 14.37 -3.31
CA SER B 118 3.84 14.55 -4.59
C SER B 118 2.33 14.35 -4.53
N ARG B 119 1.84 13.55 -3.59
CA ARG B 119 0.40 13.29 -3.51
C ARG B 119 -0.43 14.55 -3.38
N SER B 120 -0.06 15.42 -2.46
CA SER B 120 -0.80 16.65 -2.28
C SER B 120 -0.63 17.56 -3.51
N GLN B 121 0.47 17.40 -4.23
CA GLN B 121 0.74 18.20 -5.43
C GLN B 121 -0.14 17.69 -6.54
N GLY B 122 -0.31 16.37 -6.62
CA GLY B 122 -1.13 15.78 -7.65
C GLY B 122 -2.58 16.12 -7.36
N LEU B 123 -2.94 16.07 -6.09
CA LEU B 123 -4.29 16.39 -5.67
C LEU B 123 -4.63 17.81 -6.11
N GLU B 124 -3.74 18.74 -5.81
CA GLU B 124 -3.96 20.13 -6.19
C GLU B 124 -4.09 20.26 -7.70
N ALA B 125 -3.33 19.47 -8.44
CA ALA B 125 -3.36 19.49 -9.90
C ALA B 125 -4.73 19.14 -10.46
N MSE B 126 -5.27 18.01 -10.03
CA MSE B 126 -6.57 17.59 -10.53
C MSE B 126 -7.71 18.52 -10.10
O MSE B 126 -8.68 18.67 -10.83
CB MSE B 126 -6.87 16.13 -10.13
CG MSE B 126 -6.46 15.73 -8.71
SE MSE B 126 -6.71 13.83 -8.31
CE MSE B 126 -5.12 13.07 -9.17
N ILE B 127 -7.60 19.15 -8.93
CA ILE B 127 -8.63 20.07 -8.47
C ILE B 127 -8.67 21.32 -9.37
N ARG B 128 -7.52 21.93 -9.61
CA ARG B 128 -7.48 23.12 -10.45
C ARG B 128 -7.94 22.77 -11.87
N ALA B 129 -7.60 21.58 -12.35
CA ALA B 129 -8.01 21.13 -13.69
C ALA B 129 -9.54 21.11 -13.80
N ILE B 130 -10.18 20.47 -12.83
CA ILE B 130 -11.62 20.35 -12.79
C ILE B 130 -12.30 21.72 -12.61
N ARG B 131 -11.81 22.53 -11.66
CA ARG B 131 -12.40 23.83 -11.38
C ARG B 131 -12.32 24.71 -12.62
N ALA B 132 -11.24 24.54 -13.38
CA ALA B 132 -11.02 25.29 -14.60
C ALA B 132 -12.15 24.96 -15.57
N LYS B 133 -12.32 23.68 -15.86
CA LYS B 133 -13.37 23.26 -16.78
C LYS B 133 -14.74 23.68 -16.29
N ALA B 134 -14.98 23.52 -14.98
CA ALA B 134 -16.26 23.88 -14.39
C ALA B 134 -16.56 25.35 -14.62
N ALA B 135 -15.59 26.21 -14.36
CA ALA B 135 -15.76 27.66 -14.53
C ALA B 135 -16.11 28.02 -15.96
N ALA B 136 -15.43 27.37 -16.90
CA ALA B 136 -15.67 27.59 -18.32
C ALA B 136 -17.15 27.35 -18.60
N LEU B 137 -17.64 26.21 -18.14
CA LEU B 137 -19.03 25.85 -18.35
C LEU B 137 -19.98 26.72 -17.54
N SER B 138 -19.54 27.18 -16.38
CA SER B 138 -20.41 27.99 -15.55
C SER B 138 -20.69 29.38 -16.14
N LEU B 139 -19.96 29.80 -17.17
CA LEU B 139 -20.20 31.14 -17.74
C LEU B 139 -21.37 31.11 -18.69
N GLU B 140 -21.60 29.93 -19.25
CA GLU B 140 -22.70 29.64 -20.18
C GLU B 140 -23.76 28.90 -19.37
N HIS B 141 -24.79 29.61 -18.93
CA HIS B 141 -25.82 28.98 -18.10
C HIS B 141 -26.87 28.10 -18.77
N HIS B 142 -27.41 27.18 -17.97
CA HIS B 142 -28.44 26.22 -18.37
C HIS B 142 -29.70 27.03 -18.73
N HIS B 143 -30.87 26.42 -18.57
CA HIS B 143 -32.10 27.13 -18.86
C HIS B 143 -32.33 28.10 -17.71
N HIS B 144 -33.12 27.65 -16.74
CA HIS B 144 -33.41 28.43 -15.54
C HIS B 144 -32.37 28.10 -14.49
#